data_5KMN
#
_entry.id   5KMN
#
_cell.length_a   52.150
_cell.length_b   52.150
_cell.length_c   228.530
_cell.angle_alpha   90.000
_cell.angle_beta   90.000
_cell.angle_gamma   120.000
#
_symmetry.space_group_name_H-M   'P 31 1 2'
#
loop_
_entity.id
_entity.type
_entity.pdbx_description
1 polymer 'High affinity nerve growth factor receptor'
2 non-polymer 1-(2-methyl-4-phenyl-pyrimidin-5-yl)-3-[[2-(trifluoromethyl)phenyl]methyl]urea
3 water water
#
_entity_poly.entity_id   1
_entity_poly.type   'polypeptide(L)'
_entity_poly.pdbx_seq_one_letter_code
;(ACE)SSLSPTEGKGSGLQGHIIENPQYFSDACVHHIKRRDIVLKWELGEGAFGKVFLAECHNLLPEQDKMLVAVKALKE
ASESARQDFQREAELLTMLQHQHIVRFFGVCTEGRPLLMVFEYMRHGDLNRFLRSHGPDAKLLAGGEDVAPGPLGLGQLL
AVASQVAAGMVYLAGLHFVHRDLATRNCLVGQGLVVKIGDFGMSRDIYSTDYYRVGGRTMLPIRWMPPESILYRKFTTES
DVWSFGVVLWEIFTYGKQPWYQLSNTEAIDCITQGRELERPRACPPEVYAIMRGCWQREPQQRHSIKDVHARLQALAQAP
PVYLDVLGHHHHHH
;
_entity_poly.pdbx_strand_id   A
#
# COMPACT_ATOMS: atom_id res chain seq x y z
N SER A 2 -6.88 7.02 -7.63
CA SER A 2 -7.45 6.24 -8.73
C SER A 2 -7.53 4.74 -8.44
N SER A 3 -6.71 4.23 -7.48
CA SER A 3 -6.70 2.83 -7.05
C SER A 3 -7.96 2.45 -6.26
N LEU A 4 -8.72 3.45 -5.81
CA LEU A 4 -9.95 3.21 -5.06
C LEU A 4 -11.16 3.14 -5.98
N SER A 5 -12.14 2.32 -5.60
CA SER A 5 -13.41 2.12 -6.29
C SER A 5 -14.50 1.96 -5.23
N PRO A 6 -15.66 2.64 -5.36
CA PRO A 6 -16.71 2.44 -4.36
C PRO A 6 -17.26 1.02 -4.47
N THR A 7 -17.73 0.45 -3.37
CA THR A 7 -18.25 -0.92 -3.37
C THR A 7 -19.79 -0.90 -3.42
N ASP A 27 -15.92 20.20 -5.14
CA ASP A 27 -14.59 20.72 -5.42
C ASP A 27 -14.13 21.71 -4.34
N ALA A 28 -15.08 22.39 -3.67
CA ALA A 28 -14.83 23.37 -2.61
C ALA A 28 -14.15 22.73 -1.39
N CYS A 29 -14.42 21.44 -1.10
CA CYS A 29 -13.84 20.68 0.02
C CYS A 29 -12.29 20.52 -0.05
N VAL A 30 -11.75 20.48 -1.28
CA VAL A 30 -10.32 20.33 -1.55
C VAL A 30 -9.54 21.56 -1.08
N HIS A 31 -8.50 21.35 -0.25
CA HIS A 31 -7.61 22.40 0.24
C HIS A 31 -6.69 22.84 -0.89
N HIS A 32 -6.39 24.14 -0.98
CA HIS A 32 -5.54 24.70 -2.02
C HIS A 32 -4.30 25.28 -1.41
N ILE A 33 -3.18 25.15 -2.09
CA ILE A 33 -1.88 25.66 -1.65
C ILE A 33 -1.35 26.57 -2.76
N LYS A 34 -0.87 27.78 -2.38
CA LYS A 34 -0.30 28.77 -3.31
C LYS A 34 1.01 28.20 -3.84
N ARG A 35 1.28 28.31 -5.15
CA ARG A 35 2.53 27.80 -5.75
C ARG A 35 3.80 28.36 -5.11
N ARG A 36 3.76 29.60 -4.55
CA ARG A 36 4.91 30.22 -3.88
C ARG A 36 5.16 29.57 -2.50
N ASP A 37 4.14 28.90 -1.94
CA ASP A 37 4.25 28.22 -0.65
C ASP A 37 4.94 26.86 -0.80
N ILE A 38 5.20 26.42 -2.05
CA ILE A 38 5.84 25.15 -2.41
C ILE A 38 7.20 25.44 -3.00
N VAL A 39 8.26 24.88 -2.41
CA VAL A 39 9.61 25.08 -2.89
C VAL A 39 10.18 23.71 -3.20
N LEU A 40 10.27 23.35 -4.51
CA LEU A 40 10.79 22.04 -4.93
C LEU A 40 12.26 21.91 -4.57
N LYS A 41 12.64 20.74 -4.04
CA LYS A 41 14.04 20.50 -3.66
C LYS A 41 14.69 19.63 -4.70
N TRP A 42 14.11 18.42 -4.96
CA TRP A 42 14.64 17.49 -5.95
C TRP A 42 13.64 16.38 -6.25
N GLU A 43 13.85 15.69 -7.37
CA GLU A 43 13.00 14.58 -7.77
C GLU A 43 13.19 13.39 -6.82
N LEU A 44 12.10 12.68 -6.49
CA LEU A 44 12.07 11.49 -5.63
C LEU A 44 11.73 10.31 -6.50
N GLY A 45 10.89 10.55 -7.51
CA GLY A 45 10.46 9.53 -8.46
C GLY A 45 9.85 10.07 -9.73
N GLU A 46 9.64 9.16 -10.69
CA GLU A 46 9.05 9.44 -12.01
C GLU A 46 8.33 8.21 -12.58
N GLY A 47 7.16 8.47 -13.16
CA GLY A 47 6.31 7.47 -13.77
C GLY A 47 5.81 7.89 -15.14
N ALA A 48 4.81 7.16 -15.67
CA ALA A 48 4.20 7.43 -16.97
C ALA A 48 3.21 8.60 -16.87
N PHE A 49 2.61 8.80 -15.68
CA PHE A 49 1.63 9.87 -15.43
C PHE A 49 2.21 11.16 -14.82
N GLY A 50 3.49 11.15 -14.44
CA GLY A 50 4.15 12.32 -13.86
C GLY A 50 5.39 12.08 -13.03
N LYS A 51 5.76 13.09 -12.22
CA LYS A 51 6.94 13.06 -11.36
C LYS A 51 6.59 13.38 -9.92
N VAL A 52 7.45 12.93 -8.99
CA VAL A 52 7.32 13.18 -7.56
C VAL A 52 8.56 13.90 -7.13
N PHE A 53 8.37 14.95 -6.33
CA PHE A 53 9.45 15.77 -5.81
C PHE A 53 9.35 15.89 -4.32
N LEU A 54 10.49 16.08 -3.68
CA LEU A 54 10.52 16.39 -2.28
C LEU A 54 10.46 17.94 -2.31
N ALA A 55 9.68 18.55 -1.44
CA ALA A 55 9.58 20.00 -1.43
C ALA A 55 9.45 20.52 -0.02
N GLU A 56 9.77 21.80 0.17
CA GLU A 56 9.61 22.52 1.43
C GLU A 56 8.27 23.25 1.25
N CYS A 57 7.37 23.12 2.22
CA CYS A 57 6.07 23.77 2.18
C CYS A 57 5.91 24.71 3.36
N HIS A 58 5.57 25.97 3.06
CA HIS A 58 5.43 27.02 4.07
C HIS A 58 3.98 27.31 4.42
N ASN A 59 3.74 27.53 5.73
CA ASN A 59 2.46 27.87 6.37
C ASN A 59 1.35 26.83 6.12
N LEU A 60 1.74 25.55 6.04
CA LEU A 60 0.83 24.43 5.83
C LEU A 60 0.22 23.99 7.16
N LEU A 61 1.04 23.95 8.23
CA LEU A 61 0.63 23.59 9.58
C LEU A 61 1.29 24.54 10.60
N PRO A 62 0.54 25.08 11.59
CA PRO A 62 1.16 25.99 12.57
C PRO A 62 1.80 25.25 13.73
N ASP A 65 5.96 26.38 10.85
CA ASP A 65 6.36 27.44 9.93
C ASP A 65 6.71 26.85 8.56
N LYS A 66 7.57 25.81 8.53
CA LYS A 66 7.97 25.10 7.31
C LYS A 66 8.14 23.59 7.58
N MET A 67 7.82 22.77 6.56
CA MET A 67 7.87 21.31 6.62
C MET A 67 8.10 20.66 5.25
N LEU A 68 8.64 19.43 5.25
CA LEU A 68 8.90 18.66 4.04
C LEU A 68 7.64 17.98 3.56
N VAL A 69 7.46 17.87 2.24
CA VAL A 69 6.29 17.24 1.66
C VAL A 69 6.71 16.52 0.40
N ALA A 70 5.88 15.58 -0.09
CA ALA A 70 6.10 14.87 -1.35
C ALA A 70 5.09 15.53 -2.28
N VAL A 71 5.54 16.01 -3.45
CA VAL A 71 4.70 16.69 -4.41
C VAL A 71 4.58 15.89 -5.70
N LYS A 72 3.35 15.46 -6.00
CA LYS A 72 3.05 14.70 -7.20
C LYS A 72 2.63 15.71 -8.26
N ALA A 73 3.38 15.78 -9.35
CA ALA A 73 3.14 16.69 -10.47
C ALA A 73 2.49 15.92 -11.62
N LEU A 74 1.30 16.36 -12.05
CA LEU A 74 0.59 15.68 -13.14
C LEU A 74 1.16 16.07 -14.50
N LYS A 75 1.60 15.06 -15.28
CA LYS A 75 2.16 15.24 -16.62
C LYS A 75 1.01 15.59 -17.58
N GLU A 76 1.08 16.82 -18.18
CA GLU A 76 0.09 17.38 -19.11
C GLU A 76 -1.28 17.59 -18.45
N SER A 78 -5.57 16.09 -22.02
CA SER A 78 -5.27 16.67 -20.71
C SER A 78 -6.53 17.14 -19.95
N GLU A 79 -7.64 17.45 -20.66
CA GLU A 79 -8.89 17.88 -20.00
C GLU A 79 -9.56 16.68 -19.32
N SER A 80 -9.38 15.47 -19.89
CA SER A 80 -9.90 14.21 -19.35
C SER A 80 -9.11 13.89 -18.06
N ALA A 81 -7.80 14.22 -18.05
CA ALA A 81 -6.88 14.00 -16.93
C ALA A 81 -7.12 15.04 -15.81
N ARG A 82 -7.52 16.28 -16.17
CA ARG A 82 -7.78 17.39 -15.25
C ARG A 82 -9.04 17.10 -14.41
N GLN A 83 -10.05 16.42 -15.00
CA GLN A 83 -11.25 16.06 -14.26
C GLN A 83 -11.00 14.83 -13.40
N ASP A 84 -10.09 13.94 -13.85
CA ASP A 84 -9.67 12.74 -13.12
C ASP A 84 -8.91 13.21 -11.87
N PHE A 85 -8.06 14.25 -12.02
CA PHE A 85 -7.26 14.87 -10.96
C PHE A 85 -8.19 15.46 -9.88
N GLN A 86 -9.20 16.21 -10.32
CA GLN A 86 -10.20 16.86 -9.47
C GLN A 86 -10.98 15.85 -8.62
N ARG A 87 -11.50 14.77 -9.24
CA ARG A 87 -12.23 13.71 -8.55
C ARG A 87 -11.29 12.99 -7.54
N GLU A 88 -10.03 12.69 -7.94
CA GLU A 88 -9.03 12.03 -7.08
C GLU A 88 -8.76 12.90 -5.86
N ALA A 89 -8.54 14.23 -6.06
CA ALA A 89 -8.29 15.19 -4.97
C ALA A 89 -9.47 15.21 -3.98
N GLU A 90 -10.71 15.17 -4.50
CA GLU A 90 -11.93 15.16 -3.68
C GLU A 90 -12.02 13.90 -2.83
N LEU A 91 -11.69 12.75 -3.43
CA LEU A 91 -11.68 11.43 -2.80
C LEU A 91 -10.63 11.40 -1.69
N LEU A 92 -9.39 11.82 -2.02
CA LEU A 92 -8.27 11.88 -1.10
C LEU A 92 -8.55 12.81 0.08
N THR A 93 -9.31 13.89 -0.15
CA THR A 93 -9.69 14.85 0.91
C THR A 93 -10.58 14.15 1.98
N MET A 94 -11.54 13.31 1.52
CA MET A 94 -12.49 12.51 2.32
C MET A 94 -11.76 11.46 3.16
N LEU A 95 -10.64 10.96 2.62
CA LEU A 95 -9.80 9.91 3.14
C LEU A 95 -8.73 10.38 4.07
N GLN A 96 -9.11 10.83 5.26
CA GLN A 96 -8.15 11.28 6.24
C GLN A 96 -8.23 10.36 7.44
N HIS A 97 -7.13 9.60 7.71
CA HIS A 97 -7.01 8.66 8.83
C HIS A 97 -5.54 8.39 9.23
N GLN A 98 -5.35 7.84 10.44
CA GLN A 98 -4.07 7.52 11.09
C GLN A 98 -3.15 6.57 10.28
N HIS A 99 -3.73 5.69 9.44
CA HIS A 99 -2.92 4.75 8.67
C HIS A 99 -3.11 4.86 7.14
N ILE A 100 -3.51 6.06 6.68
CA ILE A 100 -3.66 6.43 5.28
C ILE A 100 -2.72 7.65 5.12
N VAL A 101 -1.82 7.62 4.12
CA VAL A 101 -0.88 8.70 3.81
C VAL A 101 -1.67 10.02 3.71
N ARG A 102 -1.23 11.02 4.47
CA ARG A 102 -1.90 12.33 4.51
C ARG A 102 -1.80 13.13 3.23
N PHE A 103 -2.96 13.59 2.77
CA PHE A 103 -3.14 14.43 1.61
C PHE A 103 -3.45 15.85 2.16
N PHE A 104 -2.61 16.82 1.79
CA PHE A 104 -2.69 18.22 2.23
C PHE A 104 -3.51 19.11 1.31
N GLY A 105 -3.57 18.76 0.03
CA GLY A 105 -4.31 19.54 -0.93
C GLY A 105 -3.60 19.66 -2.25
N VAL A 106 -4.12 20.55 -3.09
CA VAL A 106 -3.65 20.78 -4.45
C VAL A 106 -3.15 22.18 -4.75
N CYS A 107 -2.47 22.30 -5.88
CA CYS A 107 -2.01 23.56 -6.44
C CYS A 107 -2.40 23.54 -7.90
N THR A 108 -3.53 24.19 -8.19
CA THR A 108 -4.14 24.24 -9.53
C THR A 108 -4.00 25.63 -10.16
N GLU A 109 -3.16 26.48 -9.56
CA GLU A 109 -2.90 27.82 -10.11
C GLU A 109 -1.75 27.69 -11.10
N GLY A 110 -2.13 27.36 -12.32
CA GLY A 110 -1.20 27.14 -13.42
C GLY A 110 -0.90 25.67 -13.64
N ARG A 111 0.19 25.40 -14.36
CA ARG A 111 0.65 24.07 -14.70
C ARG A 111 2.09 23.89 -14.21
N PRO A 112 2.51 22.66 -13.82
CA PRO A 112 1.70 21.43 -13.75
C PRO A 112 0.82 21.43 -12.51
N LEU A 113 -0.32 20.71 -12.59
CA LEU A 113 -1.20 20.60 -11.43
C LEU A 113 -0.42 19.80 -10.37
N LEU A 114 -0.56 20.16 -9.10
CA LEU A 114 0.18 19.47 -8.06
C LEU A 114 -0.69 18.92 -6.98
N MET A 115 -0.30 17.73 -6.45
CA MET A 115 -0.95 17.11 -5.30
C MET A 115 0.09 17.08 -4.20
N VAL A 116 -0.29 17.54 -2.99
CA VAL A 116 0.66 17.65 -1.88
C VAL A 116 0.36 16.62 -0.82
N PHE A 117 1.36 15.80 -0.50
CA PHE A 117 1.22 14.73 0.48
C PHE A 117 2.30 14.84 1.53
N GLU A 118 2.12 14.14 2.67
CA GLU A 118 3.17 14.11 3.66
C GLU A 118 4.37 13.31 3.13
N TYR A 119 5.55 13.64 3.62
CA TYR A 119 6.76 12.93 3.24
C TYR A 119 6.99 11.82 4.23
N MET A 120 7.23 10.65 3.70
CA MET A 120 7.46 9.44 4.48
C MET A 120 8.91 9.06 4.26
N ARG A 121 9.76 9.33 5.26
CA ARG A 121 11.22 9.15 5.32
C ARG A 121 11.75 7.85 4.75
N HIS A 122 11.13 6.72 5.09
CA HIS A 122 11.68 5.43 4.65
C HIS A 122 11.19 4.90 3.31
N GLY A 123 10.39 5.66 2.59
CA GLY A 123 9.93 5.21 1.27
C GLY A 123 8.86 4.13 1.32
N ASP A 124 8.68 3.44 0.21
CA ASP A 124 7.65 2.40 0.12
C ASP A 124 8.01 1.18 0.98
N LEU A 125 6.99 0.53 1.54
CA LEU A 125 7.14 -0.63 2.42
C LEU A 125 7.89 -1.81 1.76
N ASN A 126 7.70 -2.05 0.45
CA ASN A 126 8.46 -3.13 -0.18
C ASN A 126 10.01 -2.93 -0.09
N ARG A 127 10.47 -1.71 -0.35
CA ARG A 127 11.89 -1.33 -0.32
C ARG A 127 12.40 -1.39 1.12
N PHE A 128 11.59 -0.93 2.06
CA PHE A 128 11.97 -0.95 3.47
C PHE A 128 12.20 -2.41 3.94
N LEU A 129 11.24 -3.32 3.60
CA LEU A 129 11.32 -4.73 3.98
C LEU A 129 12.58 -5.35 3.42
N ARG A 130 12.85 -5.15 2.13
CA ARG A 130 14.02 -5.70 1.43
C ARG A 130 15.36 -5.26 2.04
N SER A 131 15.48 -3.97 2.42
CA SER A 131 16.68 -3.40 3.03
C SER A 131 16.84 -3.80 4.52
N HIS A 132 15.82 -4.46 5.11
CA HIS A 132 15.84 -4.92 6.50
C HIS A 132 15.56 -6.43 6.61
N GLY A 133 15.97 -7.16 5.57
CA GLY A 133 15.83 -8.60 5.44
C GLY A 133 17.19 -9.28 5.43
N PRO A 134 17.24 -10.63 5.62
CA PRO A 134 18.55 -11.33 5.64
C PRO A 134 19.43 -11.20 4.38
N ASP A 135 18.85 -10.71 3.26
CA ASP A 135 19.57 -10.54 1.98
C ASP A 135 20.00 -9.08 1.70
N ALA A 136 19.89 -8.18 2.71
CA ALA A 136 20.28 -6.77 2.60
C ALA A 136 21.79 -6.56 2.47
N GLY A 142 20.52 3.43 11.78
CA GLY A 142 19.58 2.62 12.53
C GLY A 142 18.83 3.40 13.59
N GLU A 143 18.24 4.54 13.21
CA GLU A 143 17.51 5.41 14.13
C GLU A 143 16.17 4.83 14.62
N ASP A 144 15.44 4.18 13.69
CA ASP A 144 14.11 3.62 13.94
C ASP A 144 14.08 2.10 14.09
N VAL A 145 15.10 1.38 13.56
CA VAL A 145 15.12 -0.08 13.64
C VAL A 145 16.48 -0.61 14.08
N ALA A 146 16.45 -1.76 14.76
CA ALA A 146 17.61 -2.47 15.28
C ALA A 146 18.46 -3.05 14.16
N PRO A 147 19.70 -3.54 14.42
CA PRO A 147 20.48 -4.14 13.32
C PRO A 147 19.90 -5.49 12.91
N GLY A 148 20.30 -5.96 11.73
CA GLY A 148 19.86 -7.24 11.18
C GLY A 148 18.41 -7.29 10.70
N PRO A 149 17.83 -8.50 10.51
CA PRO A 149 16.44 -8.57 10.02
C PRO A 149 15.45 -8.08 11.05
N LEU A 150 14.30 -7.57 10.58
CA LEU A 150 13.21 -7.09 11.44
C LEU A 150 12.67 -8.25 12.26
N GLY A 151 12.53 -8.03 13.55
CA GLY A 151 12.03 -9.06 14.45
C GLY A 151 10.56 -9.32 14.27
N LEU A 152 10.05 -10.39 14.92
CA LEU A 152 8.64 -10.77 14.86
C LEU A 152 7.73 -9.63 15.28
N GLY A 153 8.08 -8.97 16.37
CA GLY A 153 7.35 -7.84 16.94
C GLY A 153 7.16 -6.70 15.95
N GLN A 154 8.24 -6.32 15.24
CA GLN A 154 8.14 -5.24 14.24
C GLN A 154 7.40 -5.71 12.97
N LEU A 155 7.56 -6.98 12.53
CA LEU A 155 6.84 -7.53 11.37
C LEU A 155 5.35 -7.49 11.65
N LEU A 156 4.93 -7.83 12.89
CA LEU A 156 3.53 -7.80 13.30
C LEU A 156 2.99 -6.38 13.43
N ALA A 157 3.88 -5.44 13.82
CA ALA A 157 3.55 -4.02 13.97
C ALA A 157 3.18 -3.50 12.56
N VAL A 158 4.06 -3.77 11.59
CA VAL A 158 3.93 -3.41 10.17
C VAL A 158 2.59 -3.93 9.61
N ALA A 159 2.33 -5.26 9.77
CA ALA A 159 1.13 -5.94 9.31
C ALA A 159 -0.15 -5.36 9.91
N SER A 160 -0.12 -5.07 11.22
CA SER A 160 -1.28 -4.52 11.94
C SER A 160 -1.69 -3.13 11.43
N GLN A 161 -0.70 -2.26 11.15
CA GLN A 161 -0.92 -0.92 10.66
C GLN A 161 -1.56 -0.94 9.25
N VAL A 162 -1.06 -1.81 8.34
CA VAL A 162 -1.63 -1.96 6.98
C VAL A 162 -3.09 -2.41 7.11
N ALA A 163 -3.36 -3.41 7.99
CA ALA A 163 -4.72 -3.93 8.24
C ALA A 163 -5.64 -2.83 8.75
N ALA A 164 -5.12 -1.98 9.67
CA ALA A 164 -5.87 -0.85 10.25
C ALA A 164 -6.30 0.14 9.14
N GLY A 165 -5.42 0.39 8.18
CA GLY A 165 -5.73 1.26 7.04
C GLY A 165 -6.83 0.65 6.17
N MET A 166 -6.81 -0.69 5.97
CA MET A 166 -7.82 -1.44 5.20
C MET A 166 -9.17 -1.46 5.90
N VAL A 167 -9.17 -1.60 7.25
CA VAL A 167 -10.39 -1.55 8.04
C VAL A 167 -11.11 -0.21 7.76
N TYR A 168 -10.33 0.91 7.78
CA TYR A 168 -10.86 2.25 7.53
C TYR A 168 -11.43 2.38 6.12
N LEU A 169 -10.69 1.89 5.08
CA LEU A 169 -11.19 1.99 3.71
C LEU A 169 -12.46 1.15 3.51
N ALA A 170 -12.46 -0.09 4.05
CA ALA A 170 -13.61 -1.00 3.97
C ALA A 170 -14.82 -0.35 4.67
N GLY A 171 -14.57 0.31 5.82
CA GLY A 171 -15.58 1.03 6.58
C GLY A 171 -16.24 2.16 5.81
N LEU A 172 -15.50 2.79 4.86
CA LEU A 172 -15.99 3.87 3.99
C LEU A 172 -16.55 3.28 2.72
N HIS A 173 -16.57 1.93 2.62
CA HIS A 173 -17.08 1.13 1.49
C HIS A 173 -16.23 1.35 0.21
N PHE A 174 -14.90 1.47 0.39
CA PHE A 174 -13.98 1.60 -0.73
C PHE A 174 -13.14 0.35 -0.84
N VAL A 175 -12.94 -0.05 -2.07
CA VAL A 175 -12.14 -1.20 -2.43
C VAL A 175 -10.79 -0.62 -2.95
N HIS A 176 -9.64 -1.18 -2.51
CA HIS A 176 -8.32 -0.74 -3.01
C HIS A 176 -7.92 -1.80 -4.03
N ARG A 177 -7.86 -1.41 -5.31
CA ARG A 177 -7.56 -2.36 -6.39
C ARG A 177 -6.09 -2.67 -6.58
N ASP A 178 -5.18 -2.08 -5.77
CA ASP A 178 -3.77 -2.42 -5.92
C ASP A 178 -3.06 -2.48 -4.56
N LEU A 179 -3.67 -3.20 -3.60
CA LEU A 179 -3.09 -3.37 -2.26
C LEU A 179 -1.87 -4.30 -2.35
N ALA A 180 -0.70 -3.79 -1.93
CA ALA A 180 0.60 -4.46 -1.96
C ALA A 180 1.56 -3.58 -1.16
N THR A 181 2.63 -4.15 -0.59
CA THR A 181 3.60 -3.39 0.21
C THR A 181 4.24 -2.24 -0.59
N ARG A 182 4.39 -2.38 -1.92
CA ARG A 182 4.89 -1.30 -2.80
C ARG A 182 3.95 -0.06 -2.74
N ASN A 183 2.67 -0.29 -2.39
CA ASN A 183 1.66 0.77 -2.30
C ASN A 183 1.36 1.19 -0.87
N CYS A 184 2.36 1.01 0.02
CA CYS A 184 2.32 1.44 1.41
C CYS A 184 3.58 2.24 1.62
N LEU A 185 3.55 3.22 2.52
CA LEU A 185 4.74 4.03 2.80
C LEU A 185 5.16 3.90 4.25
N VAL A 186 6.46 4.04 4.54
CA VAL A 186 6.97 3.94 5.91
C VAL A 186 7.59 5.28 6.33
N GLY A 187 7.13 5.81 7.45
CA GLY A 187 7.66 7.06 7.96
C GLY A 187 8.52 6.88 9.20
N GLN A 188 8.95 8.02 9.79
CA GLN A 188 9.77 8.08 11.00
C GLN A 188 9.02 7.40 12.16
N GLY A 189 9.71 6.54 12.89
CA GLY A 189 9.14 5.81 14.01
C GLY A 189 8.48 4.51 13.56
N LEU A 190 8.79 4.09 12.31
CA LEU A 190 8.27 2.89 11.65
C LEU A 190 6.71 2.93 11.59
N VAL A 191 6.18 4.12 11.24
CA VAL A 191 4.74 4.36 11.08
C VAL A 191 4.44 3.91 9.63
N VAL A 192 3.47 3.02 9.46
CA VAL A 192 3.18 2.49 8.12
C VAL A 192 1.80 2.95 7.69
N LYS A 193 1.69 3.50 6.47
CA LYS A 193 0.41 4.00 5.98
C LYS A 193 0.18 3.53 4.55
N ILE A 194 -1.09 3.36 4.18
CA ILE A 194 -1.45 2.97 2.81
C ILE A 194 -1.37 4.25 1.99
N GLY A 195 -0.77 4.15 0.83
CA GLY A 195 -0.65 5.27 -0.08
C GLY A 195 0.55 5.10 -0.96
N ASP A 196 0.47 5.72 -2.12
CA ASP A 196 1.53 5.70 -3.11
C ASP A 196 1.33 6.93 -4.00
N PHE A 197 2.30 7.24 -4.83
CA PHE A 197 2.20 8.39 -5.70
C PHE A 197 2.02 8.00 -7.19
N GLY A 198 1.38 6.86 -7.44
CA GLY A 198 1.06 6.40 -8.80
C GLY A 198 2.15 5.95 -9.74
N MET A 199 3.34 5.60 -9.24
CA MET A 199 4.45 5.14 -10.10
C MET A 199 4.79 3.66 -9.98
N SER A 200 3.99 2.87 -9.23
CA SER A 200 4.23 1.43 -9.04
C SER A 200 4.32 0.64 -10.32
N ARG A 201 3.45 0.96 -11.32
CA ARG A 201 3.49 0.22 -12.60
C ARG A 201 4.80 0.46 -13.37
N ASP A 202 5.48 1.58 -13.06
CA ASP A 202 6.77 1.90 -13.66
C ASP A 202 7.95 1.32 -12.84
N ILE A 203 7.98 1.54 -11.51
CA ILE A 203 9.06 1.09 -10.61
C ILE A 203 9.06 -0.43 -10.38
N TYR A 204 7.87 -1.02 -10.27
CA TYR A 204 7.67 -2.43 -9.98
C TYR A 204 6.92 -3.10 -11.12
N SER A 205 7.36 -2.87 -12.38
CA SER A 205 6.68 -3.41 -13.57
C SER A 205 6.50 -4.94 -13.57
N THR A 206 7.41 -5.72 -12.97
CA THR A 206 7.33 -7.19 -12.93
C THR A 206 6.23 -7.67 -12.00
N ASP A 207 5.64 -6.75 -11.21
CA ASP A 207 4.54 -7.04 -10.31
C ASP A 207 3.22 -6.93 -11.02
N TYR A 208 3.27 -6.68 -12.32
CA TYR A 208 2.06 -6.53 -13.14
C TYR A 208 2.13 -7.38 -14.38
N TYR A 209 0.97 -7.88 -14.80
CA TYR A 209 0.80 -8.66 -16.01
C TYR A 209 0.11 -7.77 -17.06
N ARG A 210 0.80 -7.50 -18.19
CA ARG A 210 0.25 -6.66 -19.24
C ARG A 210 -0.81 -7.40 -20.07
N VAL A 211 -1.98 -6.78 -20.22
CA VAL A 211 -3.13 -7.31 -20.99
C VAL A 211 -3.64 -6.25 -22.00
N GLY A 212 -4.83 -6.52 -22.58
CA GLY A 212 -5.58 -5.71 -23.55
C GLY A 212 -5.12 -4.29 -23.84
N GLY A 213 -4.00 -4.18 -24.56
CA GLY A 213 -3.40 -2.91 -24.95
C GLY A 213 -2.43 -2.32 -23.96
N ARG A 214 -2.93 -1.42 -23.09
CA ARG A 214 -2.12 -0.71 -22.08
C ARG A 214 -2.32 -1.14 -20.62
N THR A 215 -3.39 -1.91 -20.32
CA THR A 215 -3.75 -2.38 -18.96
C THR A 215 -2.72 -3.34 -18.35
N MET A 216 -2.42 -3.15 -17.07
CA MET A 216 -1.45 -3.92 -16.28
C MET A 216 -2.11 -4.36 -14.96
N LEU A 217 -2.29 -5.67 -14.78
CA LEU A 217 -2.97 -6.24 -13.62
C LEU A 217 -2.03 -6.79 -12.58
N PRO A 218 -2.23 -6.49 -11.29
CA PRO A 218 -1.35 -7.04 -10.24
C PRO A 218 -1.83 -8.45 -9.90
N ILE A 219 -1.80 -9.36 -10.89
CA ILE A 219 -2.29 -10.73 -10.82
C ILE A 219 -1.82 -11.52 -9.60
N ARG A 220 -0.55 -11.38 -9.18
CA ARG A 220 -0.01 -12.15 -8.04
C ARG A 220 -0.70 -11.84 -6.72
N TRP A 221 -1.39 -10.69 -6.64
CA TRP A 221 -2.13 -10.25 -5.44
C TRP A 221 -3.62 -10.46 -5.58
N MET A 222 -4.07 -10.85 -6.80
CA MET A 222 -5.48 -11.02 -7.08
C MET A 222 -6.10 -12.38 -6.68
N PRO A 223 -7.33 -12.34 -6.09
CA PRO A 223 -8.02 -13.58 -5.73
C PRO A 223 -8.61 -14.33 -6.96
N PRO A 224 -9.05 -15.60 -6.81
CA PRO A 224 -9.62 -16.33 -7.98
C PRO A 224 -10.85 -15.67 -8.60
N GLU A 225 -11.73 -15.04 -7.81
CA GLU A 225 -12.90 -14.37 -8.36
C GLU A 225 -12.55 -13.15 -9.24
N SER A 226 -11.36 -12.57 -9.08
CA SER A 226 -10.94 -11.44 -9.89
C SER A 226 -10.38 -11.96 -11.18
N ILE A 227 -9.53 -12.97 -11.10
CA ILE A 227 -8.89 -13.58 -12.27
C ILE A 227 -9.95 -14.26 -13.14
N LEU A 228 -10.80 -15.08 -12.53
CA LEU A 228 -11.82 -15.81 -13.27
C LEU A 228 -13.03 -15.01 -13.70
N TYR A 229 -13.68 -14.31 -12.76
CA TYR A 229 -14.94 -13.62 -12.99
C TYR A 229 -14.87 -12.12 -13.14
N ARG A 230 -13.68 -11.52 -12.96
CA ARG A 230 -13.46 -10.07 -13.06
C ARG A 230 -14.30 -9.31 -12.03
N LYS A 231 -14.45 -9.91 -10.84
CA LYS A 231 -15.14 -9.31 -9.71
C LYS A 231 -14.05 -8.89 -8.69
N PHE A 232 -14.18 -7.70 -8.10
CA PHE A 232 -13.26 -7.21 -7.06
C PHE A 232 -14.10 -6.48 -6.01
N THR A 233 -14.24 -7.09 -4.83
CA THR A 233 -15.04 -6.58 -3.72
C THR A 233 -14.16 -6.42 -2.47
N THR A 234 -14.80 -6.07 -1.34
CA THR A 234 -14.18 -5.91 -0.03
C THR A 234 -13.50 -7.24 0.37
N GLU A 235 -14.12 -8.39 0.05
CA GLU A 235 -13.55 -9.71 0.33
C GLU A 235 -12.32 -9.98 -0.54
N SER A 236 -12.22 -9.34 -1.73
CA SER A 236 -11.06 -9.50 -2.62
C SER A 236 -9.86 -8.78 -1.99
N ASP A 237 -10.11 -7.69 -1.19
CA ASP A 237 -9.05 -6.94 -0.47
C ASP A 237 -8.55 -7.76 0.71
N VAL A 238 -9.41 -8.61 1.29
CA VAL A 238 -8.98 -9.48 2.41
C VAL A 238 -7.98 -10.47 1.82
N TRP A 239 -8.27 -11.00 0.62
CA TRP A 239 -7.35 -11.91 -0.06
C TRP A 239 -6.02 -11.19 -0.34
N SER A 240 -6.06 -10.00 -0.98
CA SER A 240 -4.88 -9.17 -1.31
C SER A 240 -4.09 -8.85 -0.02
N PHE A 241 -4.77 -8.54 1.08
CA PHE A 241 -4.11 -8.29 2.36
C PHE A 241 -3.34 -9.56 2.83
N GLY A 242 -3.91 -10.75 2.61
CA GLY A 242 -3.22 -11.99 2.97
C GLY A 242 -1.93 -12.11 2.20
N VAL A 243 -1.91 -11.63 0.93
CA VAL A 243 -0.69 -11.65 0.10
C VAL A 243 0.30 -10.60 0.67
N VAL A 244 -0.24 -9.45 1.14
CA VAL A 244 0.57 -8.36 1.76
C VAL A 244 1.25 -8.95 3.03
N LEU A 245 0.48 -9.70 3.85
CA LEU A 245 0.93 -10.37 5.08
C LEU A 245 2.09 -11.31 4.73
N TRP A 246 1.98 -12.05 3.59
CA TRP A 246 3.03 -12.94 3.07
C TRP A 246 4.28 -12.14 2.64
N GLU A 247 4.11 -11.00 1.97
CA GLU A 247 5.24 -10.15 1.54
C GLU A 247 6.05 -9.68 2.75
N ILE A 248 5.38 -9.30 3.84
CA ILE A 248 5.98 -8.79 5.08
C ILE A 248 6.89 -9.87 5.70
N PHE A 249 6.35 -11.08 5.93
CA PHE A 249 7.08 -12.20 6.54
C PHE A 249 8.15 -12.83 5.62
N THR A 250 8.24 -12.38 4.36
CA THR A 250 9.27 -12.84 3.44
C THR A 250 10.22 -11.69 3.16
N TYR A 251 10.08 -10.55 3.88
CA TYR A 251 10.89 -9.34 3.72
C TYR A 251 10.83 -8.76 2.30
N GLY A 252 9.62 -8.69 1.76
CA GLY A 252 9.36 -8.11 0.45
C GLY A 252 9.61 -8.96 -0.78
N LYS A 253 9.61 -10.29 -0.65
CA LYS A 253 9.79 -11.17 -1.83
C LYS A 253 8.51 -11.07 -2.68
N GLN A 254 8.67 -11.24 -4.01
CA GLN A 254 7.52 -11.24 -4.90
C GLN A 254 6.75 -12.57 -4.71
N PRO A 255 5.42 -12.50 -4.48
CA PRO A 255 4.62 -13.73 -4.36
C PRO A 255 4.74 -14.53 -5.66
N TRP A 256 4.93 -15.85 -5.54
CA TRP A 256 5.08 -16.78 -6.68
C TRP A 256 6.28 -16.43 -7.55
N TYR A 257 7.37 -15.90 -6.96
CA TYR A 257 8.59 -15.49 -7.67
C TYR A 257 9.15 -16.55 -8.60
N GLN A 258 8.96 -17.81 -8.23
CA GLN A 258 9.45 -18.94 -9.02
C GLN A 258 8.65 -19.14 -10.33
N LEU A 259 7.47 -18.53 -10.41
CA LEU A 259 6.56 -18.67 -11.54
C LEU A 259 6.41 -17.46 -12.45
N SER A 260 6.14 -17.73 -13.75
CA SER A 260 5.84 -16.75 -14.76
C SER A 260 4.40 -16.32 -14.46
N ASN A 261 3.92 -15.27 -15.10
CA ASN A 261 2.55 -14.74 -14.86
C ASN A 261 1.44 -15.78 -15.13
N THR A 262 1.52 -16.53 -16.25
CA THR A 262 0.48 -17.55 -16.56
C THR A 262 0.53 -18.70 -15.57
N GLU A 263 1.74 -19.10 -15.11
CA GLU A 263 1.87 -20.16 -14.11
C GLU A 263 1.26 -19.69 -12.80
N ALA A 264 1.47 -18.40 -12.43
CA ALA A 264 0.91 -17.82 -11.19
C ALA A 264 -0.62 -17.82 -11.28
N ILE A 265 -1.17 -17.48 -12.48
CA ILE A 265 -2.61 -17.50 -12.73
C ILE A 265 -3.13 -18.93 -12.54
N ASP A 266 -2.40 -19.94 -13.02
CA ASP A 266 -2.83 -21.35 -12.87
C ASP A 266 -2.88 -21.75 -11.42
N CYS A 267 -1.89 -21.32 -10.61
CA CYS A 267 -1.84 -21.63 -9.18
C CYS A 267 -2.99 -21.06 -8.43
N ILE A 268 -3.24 -19.74 -8.61
CA ILE A 268 -4.32 -19.04 -7.93
C ILE A 268 -5.68 -19.65 -8.26
N THR A 269 -5.92 -19.92 -9.55
CA THR A 269 -7.19 -20.48 -9.97
C THR A 269 -7.32 -21.97 -9.62
N GLN A 270 -6.20 -22.72 -9.50
CA GLN A 270 -6.31 -24.13 -9.15
C GLN A 270 -6.34 -24.35 -7.63
N GLY A 271 -6.19 -23.27 -6.86
CA GLY A 271 -6.26 -23.33 -5.40
C GLY A 271 -4.95 -23.58 -4.68
N ARG A 272 -3.80 -23.47 -5.38
CA ARG A 272 -2.51 -23.65 -4.74
C ARG A 272 -2.21 -22.36 -3.95
N GLU A 273 -1.87 -22.50 -2.64
CA GLU A 273 -1.60 -21.37 -1.75
C GLU A 273 -0.12 -21.14 -1.53
N LEU A 274 0.26 -19.87 -1.24
CA LEU A 274 1.65 -19.50 -0.98
C LEU A 274 2.08 -20.25 0.30
N GLU A 275 3.32 -20.78 0.32
CA GLU A 275 3.85 -21.52 1.47
C GLU A 275 4.21 -20.59 2.62
N ARG A 276 4.19 -21.15 3.85
CA ARG A 276 4.51 -20.41 5.06
C ARG A 276 5.94 -19.90 4.96
N PRO A 277 6.13 -18.57 5.07
CA PRO A 277 7.50 -18.02 5.03
C PRO A 277 8.30 -18.50 6.27
N ARG A 278 9.61 -18.71 6.11
CA ARG A 278 10.52 -19.15 7.19
C ARG A 278 10.29 -18.34 8.49
N ALA A 279 10.31 -16.99 8.40
CA ALA A 279 10.09 -16.07 9.51
C ALA A 279 8.63 -16.01 10.03
N CYS A 280 7.71 -16.77 9.41
CA CYS A 280 6.29 -16.72 9.80
C CYS A 280 5.86 -17.83 10.77
N PRO A 281 5.36 -17.49 11.99
CA PRO A 281 4.89 -18.53 12.91
C PRO A 281 3.56 -19.16 12.43
N PRO A 282 3.21 -20.39 12.87
CA PRO A 282 1.96 -21.03 12.41
C PRO A 282 0.69 -20.23 12.71
N GLU A 283 0.69 -19.47 13.81
CA GLU A 283 -0.41 -18.63 14.27
C GLU A 283 -0.71 -17.51 13.25
N VAL A 284 0.36 -16.95 12.65
CA VAL A 284 0.28 -15.88 11.63
C VAL A 284 -0.08 -16.50 10.27
N TYR A 285 0.51 -17.67 9.95
CA TYR A 285 0.22 -18.36 8.71
C TYR A 285 -1.25 -18.79 8.66
N ALA A 286 -1.85 -19.02 9.85
CA ALA A 286 -3.28 -19.37 10.00
C ALA A 286 -4.12 -18.17 9.54
N ILE A 287 -3.67 -16.94 9.89
CA ILE A 287 -4.33 -15.68 9.51
C ILE A 287 -4.29 -15.51 7.98
N MET A 288 -3.14 -15.80 7.34
CA MET A 288 -2.94 -15.72 5.88
C MET A 288 -3.92 -16.69 5.20
N ARG A 289 -3.91 -17.98 5.61
CA ARG A 289 -4.77 -19.03 5.05
C ARG A 289 -6.26 -18.65 5.16
N GLY A 290 -6.64 -17.99 6.25
CA GLY A 290 -8.01 -17.52 6.45
C GLY A 290 -8.38 -16.41 5.48
N CYS A 291 -7.36 -15.72 4.92
CA CYS A 291 -7.58 -14.65 3.92
C CYS A 291 -7.73 -15.27 2.55
N TRP A 292 -7.18 -16.48 2.37
CA TRP A 292 -7.17 -17.17 1.10
C TRP A 292 -8.26 -18.27 0.91
N GLN A 293 -9.40 -18.18 1.62
CA GLN A 293 -10.51 -19.12 1.39
C GLN A 293 -11.03 -18.84 -0.04
N ARG A 294 -11.27 -19.89 -0.89
CA ARG A 294 -11.73 -19.71 -2.27
C ARG A 294 -13.03 -18.91 -2.38
N GLU A 295 -13.98 -19.20 -1.49
CA GLU A 295 -15.26 -18.53 -1.45
C GLU A 295 -15.12 -17.21 -0.69
N PRO A 296 -15.34 -16.08 -1.38
CA PRO A 296 -15.17 -14.75 -0.73
C PRO A 296 -15.87 -14.57 0.62
N GLN A 297 -17.09 -15.10 0.76
CA GLN A 297 -17.93 -15.03 1.95
C GLN A 297 -17.38 -15.85 3.13
N GLN A 298 -16.48 -16.82 2.87
CA GLN A 298 -15.84 -17.69 3.87
C GLN A 298 -14.59 -17.02 4.50
N ARG A 299 -14.08 -15.95 3.84
CA ARG A 299 -12.92 -15.18 4.31
C ARG A 299 -13.34 -14.36 5.52
N HIS A 300 -12.45 -14.21 6.51
CA HIS A 300 -12.78 -13.39 7.68
C HIS A 300 -12.78 -11.93 7.25
N SER A 301 -13.51 -11.06 7.98
CA SER A 301 -13.55 -9.65 7.66
C SER A 301 -12.17 -9.05 7.92
N ILE A 302 -11.87 -7.87 7.33
CA ILE A 302 -10.58 -7.20 7.56
C ILE A 302 -10.51 -6.75 9.03
N LYS A 303 -11.66 -6.38 9.61
CA LYS A 303 -11.82 -5.97 11.01
C LYS A 303 -11.32 -7.09 11.96
N ASP A 304 -11.65 -8.37 11.66
CA ASP A 304 -11.23 -9.54 12.45
C ASP A 304 -9.75 -9.83 12.23
N VAL A 305 -9.30 -9.76 10.96
CA VAL A 305 -7.89 -9.99 10.61
C VAL A 305 -7.04 -8.95 11.38
N HIS A 306 -7.50 -7.68 11.40
CA HIS A 306 -6.78 -6.61 12.10
C HIS A 306 -6.71 -6.94 13.60
N ALA A 307 -7.88 -7.26 14.23
CA ALA A 307 -8.00 -7.63 15.66
C ALA A 307 -6.98 -8.71 16.04
N ARG A 308 -6.89 -9.79 15.24
CA ARG A 308 -5.94 -10.88 15.48
C ARG A 308 -4.48 -10.43 15.32
N LEU A 309 -4.20 -9.53 14.36
CA LEU A 309 -2.82 -9.08 14.19
C LEU A 309 -2.40 -8.09 15.27
N GLN A 310 -3.31 -7.19 15.69
CA GLN A 310 -3.00 -6.22 16.74
C GLN A 310 -2.76 -6.93 18.08
N ALA A 311 -3.61 -7.93 18.42
CA ALA A 311 -3.47 -8.74 19.65
C ALA A 311 -2.06 -9.37 19.69
N LEU A 312 -1.58 -9.88 18.54
CA LEU A 312 -0.25 -10.46 18.44
C LEU A 312 0.83 -9.37 18.50
N ALA A 313 0.61 -8.22 17.83
CA ALA A 313 1.58 -7.11 17.82
C ALA A 313 1.84 -6.54 19.23
N GLN A 314 0.81 -6.43 20.06
CA GLN A 314 0.91 -5.88 21.41
C GLN A 314 1.10 -6.94 22.52
N ALA A 315 1.18 -8.24 22.13
CA ALA A 315 1.36 -9.36 23.05
C ALA A 315 2.69 -9.25 23.77
N PRO A 316 2.72 -9.59 25.08
CA PRO A 316 3.98 -9.52 25.83
C PRO A 316 5.11 -10.35 25.21
N PRO A 317 6.38 -9.87 25.33
CA PRO A 317 7.51 -10.65 24.79
C PRO A 317 7.49 -12.15 25.16
N VAL A 318 7.12 -12.49 26.42
CA VAL A 318 7.04 -13.88 26.93
C VAL A 318 6.14 -14.72 25.99
N TYR A 319 4.98 -14.18 25.61
CA TYR A 319 4.04 -14.84 24.70
C TYR A 319 4.61 -14.93 23.28
N LEU A 320 5.11 -13.80 22.74
CA LEU A 320 5.66 -13.74 21.38
C LEU A 320 6.88 -14.62 21.17
N ASP A 321 7.70 -14.81 22.23
CA ASP A 321 8.92 -15.64 22.22
C ASP A 321 8.58 -17.13 22.04
N VAL A 322 7.38 -17.56 22.50
CA VAL A 322 6.94 -18.96 22.37
C VAL A 322 6.10 -19.17 21.10
N LEU A 323 5.91 -18.10 20.29
CA LEU A 323 5.17 -18.24 19.04
C LEU A 323 6.15 -18.69 17.96
N GLY A 324 7.27 -17.98 17.86
CA GLY A 324 8.34 -18.25 16.90
C GLY A 324 9.70 -18.47 17.55
#